data_3IPI
#
_entry.id   3IPI
#
_cell.length_a   68.160
_cell.length_b   81.273
_cell.length_c   49.689
_cell.angle_alpha   90.00
_cell.angle_beta   90.00
_cell.angle_gamma   90.00
#
_symmetry.space_group_name_H-M   'P 21 21 2'
#
loop_
_entity.id
_entity.type
_entity.pdbx_description
1 polymer Geranyltranstransferase
2 non-polymer 'MALONIC ACID'
3 water water
#
_entity_poly.entity_id   1
_entity_poly.type   'polypeptide(L)'
_entity_poly.pdbx_seq_one_letter_code
;(MSE)SLNIEEWEEYRYVEAGIKESITLIEDPGLKK(MSE)VEHVCHSGGKRIRPIILLLVSEICSGSYSRSLNAALAVE
(MSE)(MSE)HSASLIHDDLLDQGLVRRNLPSAPEKFGPSGALLCGDYLIAKSIAFISPYGEKVIQDFGKAG(MSE)D
(MSE)AEGEVLDLKLEDESFGENDYFKCIYKKTASLFAISASIGAYTGGAEEELAERFSHFGNALGTAYQIVDDILEFLE
VVEGKESKFTSETLPHIY(MSE)KSTSKEEALKKSIDCVKLHVAAAKETLETFRECPARDKLFQITDYITVD(MSE)LEN
LEGHHHHHH
;
_entity_poly.pdbx_strand_id   A
#
loop_
_chem_comp.id
_chem_comp.type
_chem_comp.name
_chem_comp.formula
MLA non-polymer 'MALONIC ACID' 'C3 H4 O4'
#
# COMPACT_ATOMS: atom_id res chain seq x y z
N ASN A 4 15.77 -2.63 10.51
CA ASN A 4 14.89 -2.85 11.70
C ASN A 4 13.92 -1.69 11.88
N ILE A 5 12.91 -1.64 11.03
CA ILE A 5 11.89 -0.60 11.08
C ILE A 5 11.11 -0.68 12.38
N GLU A 6 10.98 -1.89 12.93
CA GLU A 6 10.23 -2.09 14.17
C GLU A 6 10.84 -1.31 15.32
N GLU A 7 12.04 -0.78 15.11
CA GLU A 7 12.74 -0.01 16.13
C GLU A 7 12.49 1.49 16.01
N TRP A 8 11.93 1.92 14.88
CA TRP A 8 11.67 3.34 14.65
C TRP A 8 10.53 3.90 15.51
N GLU A 9 10.67 5.15 15.93
CA GLU A 9 9.65 5.79 16.74
C GLU A 9 8.35 5.83 15.91
N GLU A 10 8.48 6.05 14.61
CA GLU A 10 7.33 6.11 13.71
C GLU A 10 6.57 4.78 13.73
N TYR A 11 7.31 3.68 13.70
CA TYR A 11 6.67 2.36 13.72
C TYR A 11 5.91 2.18 15.03
N ARG A 12 6.55 2.53 16.15
CA ARG A 12 5.92 2.39 17.45
C ARG A 12 4.65 3.22 17.60
N TYR A 13 4.65 4.42 17.04
CA TYR A 13 3.49 5.30 17.13
C TYR A 13 2.32 4.68 16.35
N VAL A 14 2.59 4.18 15.16
CA VAL A 14 1.54 3.55 14.36
C VAL A 14 1.00 2.33 15.09
N GLU A 15 1.89 1.50 15.64
CA GLU A 15 1.46 0.31 16.35
C GLU A 15 0.57 0.70 17.53
N ALA A 16 0.93 1.77 18.23
CA ALA A 16 0.16 2.26 19.37
C ALA A 16 -1.24 2.67 18.89
N GLY A 17 -1.29 3.40 17.79
CA GLY A 17 -2.57 3.83 17.24
C GLY A 17 -3.43 2.64 16.85
N ILE A 18 -2.81 1.63 16.24
CA ILE A 18 -3.53 0.43 15.82
C ILE A 18 -4.10 -0.29 17.04
N LYS A 19 -3.29 -0.45 18.08
CA LYS A 19 -3.77 -1.11 19.27
C LYS A 19 -4.91 -0.34 19.92
N GLU A 20 -4.78 0.97 20.03
CA GLU A 20 -5.84 1.78 20.65
C GLU A 20 -7.11 1.62 19.79
N SER A 21 -6.92 1.62 18.48
CA SER A 21 -8.04 1.49 17.53
C SER A 21 -8.80 0.18 17.79
N ILE A 22 -8.05 -0.89 18.04
CA ILE A 22 -8.63 -2.20 18.30
C ILE A 22 -9.46 -2.20 19.59
N THR A 23 -9.02 -1.46 20.60
CA THR A 23 -9.78 -1.42 21.86
C THR A 23 -11.16 -0.80 21.69
N LEU A 24 -11.36 -0.07 20.59
CA LEU A 24 -12.63 0.59 20.31
C LEU A 24 -13.72 -0.32 19.75
N ILE A 25 -13.30 -1.46 19.18
CA ILE A 25 -14.24 -2.40 18.57
C ILE A 25 -15.06 -3.15 19.61
N GLU A 26 -16.37 -2.95 19.59
CA GLU A 26 -17.27 -3.61 20.53
C GLU A 26 -17.64 -5.04 20.16
N ASP A 27 -17.94 -5.28 18.88
CA ASP A 27 -18.30 -6.62 18.45
C ASP A 27 -17.09 -7.55 18.58
N PRO A 28 -17.22 -8.59 19.44
CA PRO A 28 -16.14 -9.56 19.67
C PRO A 28 -15.62 -10.19 18.39
N GLY A 29 -16.53 -10.57 17.51
CA GLY A 29 -16.16 -11.18 16.24
C GLY A 29 -15.35 -10.26 15.36
N LEU A 30 -15.83 -9.04 15.16
CA LEU A 30 -15.11 -8.06 14.34
C LEU A 30 -13.75 -7.77 14.96
N LYS A 31 -13.72 -7.57 16.26
CA LYS A 31 -12.48 -7.28 16.96
C LYS A 31 -11.47 -8.39 16.68
N LYS A 32 -11.91 -9.64 16.81
CA LYS A 32 -11.03 -10.78 16.57
C LYS A 32 -10.50 -10.78 15.13
N MSE A 33 -11.36 -10.48 14.17
CA MSE A 33 -10.92 -10.44 12.78
C MSE A 33 -9.90 -9.34 12.54
O MSE A 33 -8.87 -9.57 11.91
CB MSE A 33 -12.11 -10.24 11.85
CG MSE A 33 -13.03 -11.45 11.74
SE MSE A 33 -14.32 -11.29 10.31
CE MSE A 33 -15.77 -10.51 11.30
N VAL A 34 -10.17 -8.14 13.05
CA VAL A 34 -9.26 -7.02 12.88
C VAL A 34 -7.91 -7.34 13.50
N GLU A 35 -7.94 -7.93 14.70
CA GLU A 35 -6.70 -8.30 15.38
C GLU A 35 -5.89 -9.24 14.48
N HIS A 36 -6.58 -10.14 13.78
CA HIS A 36 -5.90 -11.09 12.90
C HIS A 36 -5.22 -10.41 11.71
N VAL A 37 -5.94 -9.54 11.02
CA VAL A 37 -5.38 -8.86 9.87
C VAL A 37 -4.21 -7.95 10.22
N CYS A 38 -4.21 -7.40 11.43
CA CYS A 38 -3.14 -6.53 11.88
C CYS A 38 -1.93 -7.33 12.35
N HIS A 39 -2.20 -8.54 12.83
CA HIS A 39 -1.15 -9.43 13.32
C HIS A 39 -0.60 -10.26 12.15
N SER A 40 -0.20 -9.56 11.09
CA SER A 40 0.33 -10.23 9.90
C SER A 40 1.86 -10.17 9.81
N GLY A 41 2.48 -9.44 10.73
CA GLY A 41 3.93 -9.33 10.73
C GLY A 41 4.40 -8.28 9.74
N GLY A 42 3.46 -7.55 9.16
CA GLY A 42 3.80 -6.51 8.21
C GLY A 42 4.62 -5.40 8.85
N LYS A 43 5.20 -4.55 8.02
CA LYS A 43 6.03 -3.45 8.51
C LYS A 43 5.31 -2.10 8.55
N ARG A 44 4.00 -2.10 8.34
CA ARG A 44 3.23 -0.86 8.34
C ARG A 44 3.89 0.20 7.45
N ILE A 45 4.32 -0.21 6.27
CA ILE A 45 5.00 0.69 5.35
C ILE A 45 4.23 1.96 4.96
N ARG A 46 3.00 1.80 4.53
CA ARG A 46 2.20 2.95 4.09
C ARG A 46 2.00 4.02 5.17
N PRO A 47 1.52 3.62 6.36
CA PRO A 47 1.32 4.64 7.40
C PRO A 47 2.64 5.28 7.85
N ILE A 48 3.72 4.48 7.86
CA ILE A 48 5.01 5.02 8.27
C ILE A 48 5.48 6.05 7.24
N ILE A 49 5.30 5.75 5.96
CA ILE A 49 5.67 6.69 4.91
C ILE A 49 4.92 8.00 5.14
N LEU A 50 3.65 7.91 5.52
CA LEU A 50 2.85 9.11 5.76
C LEU A 50 3.43 9.94 6.90
N LEU A 51 3.79 9.30 8.00
CA LEU A 51 4.36 10.01 9.13
C LEU A 51 5.72 10.60 8.75
N LEU A 52 6.54 9.84 8.04
CA LEU A 52 7.86 10.33 7.65
C LEU A 52 7.77 11.57 6.78
N VAL A 53 6.80 11.57 5.87
CA VAL A 53 6.64 12.73 5.00
C VAL A 53 6.21 13.96 5.81
N SER A 54 5.31 13.76 6.77
CA SER A 54 4.86 14.87 7.61
C SER A 54 6.08 15.43 8.32
N GLU A 55 6.97 14.55 8.78
CA GLU A 55 8.20 14.98 9.48
C GLU A 55 9.10 15.80 8.57
N ILE A 56 9.27 15.35 7.33
CA ILE A 56 10.10 16.05 6.35
C ILE A 56 9.61 17.48 6.18
N CYS A 57 8.30 17.62 6.03
CA CYS A 57 7.67 18.92 5.82
C CYS A 57 7.50 19.81 7.03
N SER A 58 7.37 19.24 8.22
CA SER A 58 7.15 20.06 9.41
C SER A 58 8.03 19.76 10.61
N GLY A 59 8.76 18.66 10.56
CA GLY A 59 9.61 18.30 11.69
C GLY A 59 8.82 17.60 12.77
N SER A 60 7.54 17.35 12.50
CA SER A 60 6.65 16.67 13.45
C SER A 60 5.67 15.76 12.72
N TYR A 61 5.04 14.84 13.45
CA TYR A 61 4.07 13.93 12.86
C TYR A 61 2.94 13.57 13.83
N SER A 62 2.95 14.20 15.00
CA SER A 62 1.93 13.90 16.00
C SER A 62 0.50 13.96 15.44
N ARG A 63 0.20 15.09 14.79
CA ARG A 63 -1.13 15.32 14.20
C ARG A 63 -1.51 14.42 13.03
N SER A 64 -0.56 13.66 12.51
CA SER A 64 -0.82 12.81 11.36
C SER A 64 -1.20 11.37 11.65
N LEU A 65 -1.25 10.99 12.92
CA LEU A 65 -1.56 9.61 13.26
C LEU A 65 -2.86 9.07 12.67
N ASN A 66 -3.96 9.78 12.85
CA ASN A 66 -5.22 9.25 12.33
C ASN A 66 -5.25 9.13 10.82
N ALA A 67 -4.51 9.98 10.12
CA ALA A 67 -4.48 9.88 8.66
C ALA A 67 -3.71 8.61 8.33
N ALA A 68 -2.63 8.36 9.06
CA ALA A 68 -1.83 7.16 8.82
C ALA A 68 -2.67 5.91 9.07
N LEU A 69 -3.43 5.91 10.16
CA LEU A 69 -4.27 4.77 10.50
C LEU A 69 -5.35 4.57 9.43
N ALA A 70 -5.92 5.68 8.95
CA ALA A 70 -6.96 5.60 7.92
C ALA A 70 -6.40 4.87 6.69
N VAL A 71 -5.19 5.24 6.27
CA VAL A 71 -4.56 4.62 5.11
C VAL A 71 -4.31 3.12 5.35
N GLU A 72 -3.92 2.76 6.56
CA GLU A 72 -3.66 1.36 6.86
C GLU A 72 -4.97 0.58 6.90
N MSE A 73 -6.02 1.21 7.42
CA MSE A 73 -7.31 0.54 7.47
C MSE A 73 -7.81 0.29 6.05
O MSE A 73 -8.40 -0.76 5.79
CB MSE A 73 -8.33 1.40 8.21
CG MSE A 73 -8.09 1.45 9.70
SE MSE A 73 -9.23 2.75 10.54
CE MSE A 73 -8.38 2.80 12.28
N MSE A 74 -7.58 1.24 5.16
CA MSE A 74 -8.01 1.07 3.78
C MSE A 74 -7.22 -0.08 3.15
O MSE A 74 -7.78 -0.88 2.41
CB MSE A 74 -7.80 2.35 2.98
CG MSE A 74 -8.23 2.24 1.52
SE MSE A 74 -8.18 3.93 0.59
CE MSE A 74 -10.04 4.41 0.85
N HIS A 75 -5.94 -0.16 3.47
CA HIS A 75 -5.11 -1.24 2.93
C HIS A 75 -5.61 -2.58 3.43
N SER A 76 -5.86 -2.66 4.74
CA SER A 76 -6.34 -3.91 5.32
C SER A 76 -7.68 -4.32 4.73
N ALA A 77 -8.57 -3.35 4.53
CA ALA A 77 -9.87 -3.67 3.97
C ALA A 77 -9.68 -4.27 2.58
N SER A 78 -8.77 -3.71 1.80
CA SER A 78 -8.54 -4.22 0.44
C SER A 78 -7.97 -5.63 0.45
N LEU A 79 -7.09 -5.94 1.41
CA LEU A 79 -6.50 -7.27 1.51
C LEU A 79 -7.56 -8.30 1.84
N ILE A 80 -8.44 -7.93 2.76
CA ILE A 80 -9.52 -8.83 3.17
C ILE A 80 -10.48 -9.09 2.01
N HIS A 81 -10.90 -8.03 1.34
CA HIS A 81 -11.81 -8.18 0.21
C HIS A 81 -11.18 -8.96 -0.93
N ASP A 82 -9.90 -8.70 -1.19
CA ASP A 82 -9.21 -9.41 -2.26
C ASP A 82 -9.10 -10.89 -1.92
N ASP A 83 -8.94 -11.20 -0.63
CA ASP A 83 -8.86 -12.60 -0.21
C ASP A 83 -10.20 -13.25 -0.47
N LEU A 84 -11.27 -12.52 -0.17
CA LEU A 84 -12.62 -13.02 -0.37
C LEU A 84 -12.83 -13.28 -1.86
N LEU A 85 -12.37 -12.35 -2.69
CA LEU A 85 -12.50 -12.48 -4.14
C LEU A 85 -11.75 -13.71 -4.67
N ASP A 86 -10.45 -13.77 -4.41
CA ASP A 86 -9.61 -14.87 -4.88
C ASP A 86 -9.99 -16.24 -4.35
N GLN A 87 -10.40 -16.30 -3.08
CA GLN A 87 -10.73 -17.56 -2.44
C GLN A 87 -12.14 -18.10 -2.61
N GLY A 88 -13.13 -17.25 -2.83
CA GLY A 88 -14.48 -17.78 -2.95
C GLY A 88 -15.49 -17.12 -3.86
N LEU A 89 -15.04 -16.27 -4.78
CA LEU A 89 -15.99 -15.60 -5.68
C LEU A 89 -15.67 -15.72 -7.16
N VAL A 90 -14.48 -16.19 -7.50
CA VAL A 90 -14.09 -16.28 -8.92
C VAL A 90 -14.08 -17.67 -9.55
N ARG A 91 -13.71 -18.70 -8.79
CA ARG A 91 -13.66 -20.06 -9.32
C ARG A 91 -14.79 -20.87 -8.71
N ARG A 92 -16.01 -20.43 -8.98
CA ARG A 92 -17.23 -21.03 -8.45
C ARG A 92 -17.47 -22.51 -8.72
N ASN A 93 -17.06 -23.00 -9.89
CA ASN A 93 -17.28 -24.42 -10.21
C ASN A 93 -16.20 -25.35 -9.65
N LEU A 94 -15.17 -24.78 -9.06
CA LEU A 94 -14.09 -25.58 -8.51
C LEU A 94 -14.23 -25.76 -7.00
N PRO A 95 -13.51 -26.73 -6.41
CA PRO A 95 -13.59 -26.97 -4.97
C PRO A 95 -13.38 -25.69 -4.17
N SER A 96 -14.18 -25.52 -3.13
CA SER A 96 -14.10 -24.33 -2.29
C SER A 96 -12.73 -24.23 -1.63
N ALA A 97 -12.09 -23.08 -1.76
CA ALA A 97 -10.78 -22.85 -1.16
C ALA A 97 -10.95 -22.50 0.31
N PRO A 98 -9.96 -22.83 1.15
CA PRO A 98 -10.02 -22.54 2.59
C PRO A 98 -9.93 -21.03 2.85
N GLU A 99 -10.63 -20.58 3.90
CA GLU A 99 -10.62 -19.16 4.26
C GLU A 99 -10.58 -18.97 5.76
N LYS A 100 -9.69 -18.10 6.23
CA LYS A 100 -9.56 -17.83 7.66
C LYS A 100 -10.87 -17.31 8.23
N PHE A 101 -11.46 -16.32 7.56
CA PHE A 101 -12.74 -15.78 8.01
C PHE A 101 -13.81 -16.38 7.12
N GLY A 102 -15.04 -16.44 7.62
CA GLY A 102 -16.10 -16.95 6.78
C GLY A 102 -16.28 -15.91 5.69
N PRO A 103 -16.93 -16.25 4.56
CA PRO A 103 -17.13 -15.27 3.48
C PRO A 103 -17.86 -14.02 3.95
N SER A 104 -18.95 -14.21 4.71
CA SER A 104 -19.73 -13.09 5.19
C SER A 104 -18.88 -12.22 6.12
N GLY A 105 -18.09 -12.87 6.97
CA GLY A 105 -17.24 -12.15 7.90
C GLY A 105 -16.21 -11.29 7.18
N ALA A 106 -15.58 -11.85 6.16
CA ALA A 106 -14.57 -11.12 5.39
C ALA A 106 -15.17 -9.88 4.74
N LEU A 107 -16.34 -10.04 4.13
CA LEU A 107 -17.00 -8.91 3.48
C LEU A 107 -17.34 -7.79 4.46
N LEU A 108 -17.99 -8.14 5.57
CA LEU A 108 -18.39 -7.16 6.57
C LEU A 108 -17.22 -6.51 7.31
N CYS A 109 -16.16 -7.27 7.56
CA CYS A 109 -15.00 -6.72 8.25
C CYS A 109 -14.36 -5.67 7.36
N GLY A 110 -14.30 -5.95 6.06
CA GLY A 110 -13.73 -5.00 5.12
C GLY A 110 -14.58 -3.73 5.08
N ASP A 111 -15.91 -3.88 5.03
CA ASP A 111 -16.78 -2.73 4.98
C ASP A 111 -16.64 -1.91 6.26
N TYR A 112 -16.50 -2.60 7.38
CA TYR A 112 -16.35 -1.93 8.67
C TYR A 112 -15.08 -1.07 8.67
N LEU A 113 -13.98 -1.66 8.20
CA LEU A 113 -12.70 -0.95 8.16
C LEU A 113 -12.71 0.26 7.23
N ILE A 114 -13.37 0.14 6.08
CA ILE A 114 -13.44 1.28 5.18
C ILE A 114 -14.18 2.42 5.88
N ALA A 115 -15.34 2.10 6.45
CA ALA A 115 -16.13 3.11 7.15
C ALA A 115 -15.34 3.74 8.29
N LYS A 116 -14.60 2.90 9.01
CA LYS A 116 -13.80 3.39 10.12
C LYS A 116 -12.73 4.35 9.60
N SER A 117 -12.15 4.06 8.44
CA SER A 117 -11.13 4.94 7.89
C SER A 117 -11.74 6.32 7.59
N ILE A 118 -13.03 6.35 7.28
CA ILE A 118 -13.71 7.62 7.00
C ILE A 118 -13.75 8.43 8.30
N ALA A 119 -14.08 7.77 9.39
CA ALA A 119 -14.15 8.45 10.67
C ALA A 119 -12.76 8.98 11.06
N PHE A 120 -11.72 8.20 10.79
CA PHE A 120 -10.36 8.64 11.14
C PHE A 120 -9.80 9.72 10.22
N ILE A 121 -10.20 9.74 8.95
CA ILE A 121 -9.69 10.74 8.02
C ILE A 121 -10.49 12.04 8.11
N SER A 122 -11.63 12.00 8.79
CA SER A 122 -12.54 13.13 8.89
C SER A 122 -12.07 14.54 9.27
N PRO A 123 -11.02 14.67 10.10
CA PRO A 123 -10.62 16.05 10.42
C PRO A 123 -9.60 16.70 9.50
N TYR A 124 -9.13 15.98 8.48
CA TYR A 124 -8.08 16.53 7.63
C TYR A 124 -8.42 17.48 6.47
N GLY A 125 -9.69 17.80 6.29
CA GLY A 125 -10.04 18.72 5.21
C GLY A 125 -10.38 18.15 3.86
N GLU A 126 -10.98 18.98 3.03
CA GLU A 126 -11.43 18.60 1.70
C GLU A 126 -10.40 17.96 0.75
N LYS A 127 -9.24 18.59 0.59
CA LYS A 127 -8.24 18.04 -0.33
C LYS A 127 -7.78 16.64 0.07
N VAL A 128 -7.43 16.47 1.33
CA VAL A 128 -6.97 15.18 1.81
C VAL A 128 -8.06 14.12 1.70
N ILE A 129 -9.27 14.46 2.13
CA ILE A 129 -10.36 13.50 2.09
C ILE A 129 -10.77 13.15 0.66
N GLN A 130 -10.71 14.13 -0.24
CA GLN A 130 -11.05 13.85 -1.63
C GLN A 130 -10.00 12.90 -2.23
N ASP A 131 -8.73 13.13 -1.90
CA ASP A 131 -7.65 12.26 -2.40
C ASP A 131 -7.82 10.85 -1.87
N PHE A 132 -8.22 10.76 -0.60
CA PHE A 132 -8.43 9.47 0.06
C PHE A 132 -9.54 8.73 -0.67
N GLY A 133 -10.64 9.42 -0.95
CA GLY A 133 -11.75 8.82 -1.65
C GLY A 133 -11.37 8.35 -3.04
N LYS A 134 -10.62 9.19 -3.74
CA LYS A 134 -10.17 8.85 -5.09
C LYS A 134 -9.29 7.60 -5.10
N ALA A 135 -8.46 7.44 -4.08
CA ALA A 135 -7.58 6.28 -4.01
C ALA A 135 -8.43 5.03 -3.79
N GLY A 136 -9.48 5.14 -2.99
CA GLY A 136 -10.36 4.02 -2.74
C GLY A 136 -11.02 3.60 -4.04
N MSE A 137 -11.42 4.59 -4.83
CA MSE A 137 -12.04 4.30 -6.12
C MSE A 137 -11.05 3.64 -7.07
O MSE A 137 -11.39 2.66 -7.74
CB MSE A 137 -12.58 5.58 -6.77
CG MSE A 137 -13.87 6.10 -6.16
SE MSE A 137 -14.56 7.64 -7.13
CE MSE A 137 -13.71 9.02 -6.19
N ASP A 138 -9.83 4.16 -7.12
CA ASP A 138 -8.79 3.59 -7.99
C ASP A 138 -8.57 2.13 -7.63
N MSE A 139 -8.55 1.83 -6.33
CA MSE A 139 -8.32 0.48 -5.87
C MSE A 139 -9.40 -0.51 -6.32
O MSE A 139 -9.09 -1.63 -6.72
CB MSE A 139 -8.17 0.47 -4.35
CG MSE A 139 -6.86 1.13 -3.90
SE MSE A 139 -6.81 1.54 -2.02
CE MSE A 139 -6.71 -0.25 -1.37
N ALA A 140 -10.66 -0.08 -6.27
CA ALA A 140 -11.76 -0.94 -6.69
C ALA A 140 -11.68 -1.15 -8.20
N GLU A 141 -11.45 -0.07 -8.94
CA GLU A 141 -11.35 -0.13 -10.39
C GLU A 141 -10.15 -0.97 -10.78
N GLY A 142 -9.08 -0.84 -10.00
CA GLY A 142 -7.86 -1.60 -10.26
C GLY A 142 -8.09 -3.09 -10.12
N GLU A 143 -8.85 -3.49 -9.11
CA GLU A 143 -9.14 -4.90 -8.89
C GLU A 143 -10.05 -5.42 -10.00
N VAL A 144 -10.99 -4.59 -10.44
CA VAL A 144 -11.89 -4.99 -11.51
C VAL A 144 -11.06 -5.31 -12.76
N LEU A 145 -10.10 -4.45 -13.06
CA LEU A 145 -9.22 -4.66 -14.21
C LEU A 145 -8.37 -5.89 -13.98
N ASP A 146 -7.84 -6.01 -12.77
CA ASP A 146 -6.98 -7.13 -12.39
C ASP A 146 -7.60 -8.49 -12.72
N LEU A 147 -8.89 -8.64 -12.46
CA LEU A 147 -9.57 -9.91 -12.72
C LEU A 147 -10.10 -10.06 -14.14
N LYS A 148 -10.20 -8.94 -14.86
CA LYS A 148 -10.71 -8.99 -16.23
C LYS A 148 -9.57 -9.23 -17.22
N GLU A 156 -0.64 -5.17 -21.66
CA GLU A 156 0.44 -4.20 -21.55
C GLU A 156 -0.01 -2.94 -20.81
N ASN A 157 -0.82 -2.13 -21.48
CA ASN A 157 -1.32 -0.89 -20.91
C ASN A 157 -2.18 -1.16 -19.69
N ASP A 158 -3.09 -2.12 -19.81
CA ASP A 158 -3.99 -2.49 -18.72
C ASP A 158 -3.23 -3.01 -17.50
N TYR A 159 -2.14 -3.72 -17.74
CA TYR A 159 -1.34 -4.26 -16.64
C TYR A 159 -0.80 -3.11 -15.79
N PHE A 160 -0.23 -2.10 -16.45
CA PHE A 160 0.34 -0.98 -15.72
C PHE A 160 -0.74 -0.07 -15.16
N LYS A 161 -1.88 0.00 -15.84
CA LYS A 161 -2.98 0.82 -15.34
C LYS A 161 -3.46 0.13 -14.07
N CYS A 162 -3.38 -1.19 -14.07
CA CYS A 162 -3.79 -2.01 -12.94
C CYS A 162 -2.90 -1.79 -11.73
N ILE A 163 -1.59 -1.82 -11.94
CA ILE A 163 -0.65 -1.61 -10.85
C ILE A 163 -0.85 -0.22 -10.25
N TYR A 164 -0.99 0.77 -11.12
CA TYR A 164 -1.18 2.14 -10.67
C TYR A 164 -2.44 2.30 -9.82
N LYS A 165 -3.55 1.78 -10.31
CA LYS A 165 -4.83 1.89 -9.63
C LYS A 165 -4.91 1.07 -8.34
N LYS A 166 -4.50 -0.18 -8.43
CA LYS A 166 -4.57 -1.11 -7.30
C LYS A 166 -3.52 -0.91 -6.21
N THR A 167 -2.30 -0.55 -6.59
CA THR A 167 -1.23 -0.44 -5.61
C THR A 167 -0.52 0.91 -5.50
N ALA A 168 -0.03 1.42 -6.62
CA ALA A 168 0.70 2.70 -6.60
C ALA A 168 -0.14 3.83 -6.01
N SER A 169 -1.43 3.85 -6.33
CA SER A 169 -2.33 4.89 -5.84
C SER A 169 -2.28 5.12 -4.32
N LEU A 170 -2.29 4.04 -3.56
CA LEU A 170 -2.27 4.16 -2.09
C LEU A 170 -0.94 4.70 -1.59
N PHE A 171 0.15 4.27 -2.22
CA PHE A 171 1.48 4.75 -1.83
C PHE A 171 1.53 6.24 -2.16
N ALA A 172 0.97 6.61 -3.30
CA ALA A 172 0.97 8.02 -3.72
C ALA A 172 0.25 8.90 -2.69
N ILE A 173 -0.94 8.50 -2.25
CA ILE A 173 -1.65 9.31 -1.26
C ILE A 173 -1.11 9.18 0.16
N SER A 174 -0.40 8.10 0.46
CA SER A 174 0.18 7.98 1.79
C SER A 174 1.21 9.11 1.90
N ALA A 175 1.92 9.36 0.80
CA ALA A 175 2.93 10.40 0.76
C ALA A 175 2.32 11.81 0.66
N SER A 176 1.37 12.01 -0.24
CA SER A 176 0.76 13.33 -0.39
C SER A 176 -0.04 13.76 0.85
N ILE A 177 -0.79 12.83 1.43
CA ILE A 177 -1.54 13.17 2.63
C ILE A 177 -0.54 13.50 3.75
N GLY A 178 0.56 12.76 3.80
CA GLY A 178 1.58 13.02 4.82
C GLY A 178 2.08 14.45 4.68
N ALA A 179 2.34 14.84 3.44
CA ALA A 179 2.81 16.19 3.16
C ALA A 179 1.76 17.20 3.61
N TYR A 180 0.51 17.00 3.18
CA TYR A 180 -0.56 17.91 3.57
C TYR A 180 -0.69 18.04 5.08
N THR A 181 -0.60 16.92 5.80
CA THR A 181 -0.73 16.96 7.26
C THR A 181 0.45 17.67 7.91
N GLY A 182 1.52 17.84 7.13
CA GLY A 182 2.71 18.51 7.62
C GLY A 182 2.78 19.94 7.12
N GLY A 183 1.64 20.48 6.68
CA GLY A 183 1.59 21.85 6.21
C GLY A 183 2.01 22.14 4.78
N ALA A 184 2.23 21.10 3.98
CA ALA A 184 2.64 21.32 2.59
C ALA A 184 1.54 21.91 1.72
N GLU A 185 1.95 22.65 0.70
CA GLU A 185 1.00 23.22 -0.25
C GLU A 185 0.84 22.18 -1.37
N GLU A 186 -0.13 22.40 -2.24
CA GLU A 186 -0.42 21.48 -3.35
C GLU A 186 0.82 21.10 -4.14
N GLU A 187 1.65 22.09 -4.47
CA GLU A 187 2.86 21.88 -5.25
C GLU A 187 3.82 20.87 -4.62
N LEU A 188 4.09 21.02 -3.33
CA LEU A 188 5.01 20.12 -2.63
C LEU A 188 4.37 18.74 -2.44
N ALA A 189 3.10 18.72 -2.07
CA ALA A 189 2.39 17.46 -1.86
C ALA A 189 2.39 16.64 -3.14
N GLU A 190 2.33 17.34 -4.27
CA GLU A 190 2.34 16.68 -5.58
C GLU A 190 3.66 15.96 -5.82
N ARG A 191 4.76 16.58 -5.43
CA ARG A 191 6.08 15.98 -5.60
C ARG A 191 6.16 14.70 -4.76
N PHE A 192 5.60 14.72 -3.57
CA PHE A 192 5.61 13.53 -2.72
C PHE A 192 4.73 12.45 -3.33
N SER A 193 3.65 12.88 -3.98
CA SER A 193 2.75 11.96 -4.64
C SER A 193 3.52 11.19 -5.70
N HIS A 194 4.36 11.90 -6.42
CA HIS A 194 5.18 11.31 -7.48
C HIS A 194 6.15 10.29 -6.89
N PHE A 195 6.75 10.63 -5.75
CA PHE A 195 7.66 9.70 -5.08
C PHE A 195 6.88 8.43 -4.73
N GLY A 196 5.72 8.61 -4.12
CA GLY A 196 4.89 7.48 -3.71
C GLY A 196 4.48 6.60 -4.87
N ASN A 197 4.09 7.21 -5.98
CA ASN A 197 3.69 6.47 -7.17
C ASN A 197 4.86 5.64 -7.69
N ALA A 198 6.04 6.24 -7.68
CA ALA A 198 7.26 5.59 -8.13
C ALA A 198 7.56 4.36 -7.26
N LEU A 199 7.57 4.55 -5.95
CA LEU A 199 7.85 3.47 -5.01
C LEU A 199 6.81 2.36 -5.13
N GLY A 200 5.54 2.75 -5.11
CA GLY A 200 4.46 1.79 -5.21
C GLY A 200 4.53 0.93 -6.46
N THR A 201 4.89 1.55 -7.58
CA THR A 201 4.99 0.81 -8.84
C THR A 201 6.13 -0.20 -8.74
N ALA A 202 7.30 0.24 -8.28
CA ALA A 202 8.44 -0.65 -8.15
C ALA A 202 8.08 -1.78 -7.18
N TYR A 203 7.41 -1.42 -6.10
CA TYR A 203 6.98 -2.38 -5.09
C TYR A 203 6.12 -3.49 -5.68
N GLN A 204 5.10 -3.14 -6.44
CA GLN A 204 4.23 -4.16 -7.02
C GLN A 204 4.93 -5.04 -8.05
N ILE A 205 5.75 -4.43 -8.90
CA ILE A 205 6.46 -5.22 -9.90
C ILE A 205 7.35 -6.24 -9.20
N VAL A 206 8.00 -5.83 -8.12
CA VAL A 206 8.84 -6.75 -7.37
C VAL A 206 7.96 -7.91 -6.89
N ASP A 207 6.81 -7.59 -6.31
CA ASP A 207 5.91 -8.62 -5.82
C ASP A 207 5.51 -9.56 -6.95
N ASP A 208 5.27 -9.00 -8.13
CA ASP A 208 4.87 -9.80 -9.27
C ASP A 208 6.01 -10.67 -9.79
N ILE A 209 7.25 -10.19 -9.66
CA ILE A 209 8.41 -10.97 -10.09
C ILE A 209 8.56 -12.19 -9.19
N LEU A 210 8.45 -11.96 -7.88
CA LEU A 210 8.57 -13.06 -6.93
C LEU A 210 7.45 -14.07 -7.15
N GLU A 211 6.26 -13.58 -7.44
CA GLU A 211 5.10 -14.44 -7.68
C GLU A 211 5.33 -15.26 -8.94
N PHE A 212 5.89 -14.62 -9.97
CA PHE A 212 6.18 -15.28 -11.24
C PHE A 212 7.16 -16.42 -11.02
N LEU A 213 8.16 -16.19 -10.19
CA LEU A 213 9.17 -17.20 -9.91
C LEU A 213 8.60 -18.38 -9.12
N GLU A 214 7.56 -18.11 -8.34
CA GLU A 214 6.92 -19.17 -7.55
C GLU A 214 6.18 -20.10 -8.50
N VAL A 215 5.61 -19.53 -9.56
CA VAL A 215 4.88 -20.30 -10.56
C VAL A 215 5.89 -21.15 -11.33
N VAL A 216 7.10 -20.62 -11.50
CA VAL A 216 8.16 -21.33 -12.21
C VAL A 216 8.62 -22.51 -11.37
N GLU A 217 8.60 -22.33 -10.05
CA GLU A 217 9.00 -23.37 -9.12
C GLU A 217 7.90 -24.43 -9.08
N GLY A 218 6.69 -24.00 -9.42
CA GLY A 218 5.56 -24.91 -9.41
C GLY A 218 4.62 -24.58 -8.26
N GLU A 226 -2.12 -11.73 -13.27
CA GLU A 226 -1.04 -11.67 -14.26
C GLU A 226 0.17 -10.91 -13.73
N THR A 227 1.35 -11.29 -14.21
CA THR A 227 2.59 -10.65 -13.77
C THR A 227 3.36 -10.10 -14.98
N LEU A 228 4.21 -9.09 -14.74
CA LEU A 228 4.99 -8.47 -15.80
C LEU A 228 5.82 -9.45 -16.62
N PRO A 229 6.57 -10.36 -15.97
CA PRO A 229 7.39 -11.33 -16.70
C PRO A 229 6.55 -12.20 -17.64
N HIS A 230 5.36 -12.57 -17.18
CA HIS A 230 4.46 -13.39 -17.99
C HIS A 230 3.97 -12.58 -19.18
N ILE A 231 3.69 -11.31 -18.96
CA ILE A 231 3.21 -10.43 -20.02
C ILE A 231 4.25 -10.30 -21.12
N TYR A 232 5.51 -10.12 -20.75
CA TYR A 232 6.58 -9.98 -21.73
C TYR A 232 6.84 -11.28 -22.50
N MSE A 233 6.66 -12.42 -21.84
CA MSE A 233 6.88 -13.70 -22.50
C MSE A 233 5.94 -13.96 -23.66
O MSE A 233 6.13 -14.90 -24.43
CB MSE A 233 6.75 -14.85 -21.49
CG MSE A 233 7.92 -15.01 -20.57
SE MSE A 233 7.54 -16.35 -19.26
CE MSE A 233 8.85 -17.69 -19.72
N LYS A 234 4.91 -13.12 -23.79
CA LYS A 234 3.98 -13.27 -24.90
C LYS A 234 4.65 -12.89 -26.20
N SER A 235 5.88 -12.39 -26.11
CA SER A 235 6.63 -11.98 -27.29
C SER A 235 8.15 -12.14 -27.15
N THR A 236 8.60 -12.57 -25.98
CA THR A 236 10.04 -12.74 -25.78
C THR A 236 10.40 -13.87 -24.83
N SER A 237 11.69 -14.14 -24.73
CA SER A 237 12.22 -15.19 -23.87
C SER A 237 11.87 -15.04 -22.40
N LYS A 238 12.03 -16.13 -21.65
CA LYS A 238 11.75 -16.15 -20.22
C LYS A 238 12.69 -15.22 -19.46
N GLU A 239 13.99 -15.46 -19.60
CA GLU A 239 14.97 -14.64 -18.91
C GLU A 239 14.90 -13.20 -19.36
N GLU A 240 14.71 -12.99 -20.67
CA GLU A 240 14.63 -11.65 -21.21
C GLU A 240 13.44 -10.95 -20.57
N ALA A 241 12.36 -11.71 -20.38
CA ALA A 241 11.15 -11.17 -19.76
C ALA A 241 11.47 -10.75 -18.34
N LEU A 242 12.31 -11.53 -17.67
CA LEU A 242 12.71 -11.23 -16.30
C LEU A 242 13.65 -10.03 -16.26
N LYS A 243 14.58 -10.00 -17.21
CA LYS A 243 15.55 -8.91 -17.30
C LYS A 243 14.83 -7.57 -17.48
N LYS A 244 13.85 -7.53 -18.37
CA LYS A 244 13.10 -6.31 -18.63
C LYS A 244 12.20 -5.95 -17.44
N SER A 245 11.79 -6.95 -16.68
CA SER A 245 10.94 -6.73 -15.51
C SER A 245 11.77 -6.08 -14.42
N ILE A 246 12.97 -6.60 -14.21
CA ILE A 246 13.88 -6.07 -13.21
C ILE A 246 14.34 -4.67 -13.60
N ASP A 247 14.51 -4.44 -14.89
CA ASP A 247 14.94 -3.13 -15.37
C ASP A 247 13.82 -2.15 -15.08
N CYS A 248 12.58 -2.65 -15.12
CA CYS A 248 11.42 -1.83 -14.86
C CYS A 248 11.44 -1.41 -13.39
N VAL A 249 11.85 -2.34 -12.52
CA VAL A 249 11.94 -2.06 -11.10
C VAL A 249 12.98 -0.99 -10.83
N LYS A 250 14.18 -1.18 -11.40
CA LYS A 250 15.27 -0.23 -11.22
C LYS A 250 14.91 1.15 -11.73
N LEU A 251 14.15 1.20 -12.82
CA LEU A 251 13.72 2.47 -13.40
C LEU A 251 12.88 3.26 -12.43
N HIS A 252 11.90 2.59 -11.82
CA HIS A 252 11.01 3.25 -10.88
C HIS A 252 11.66 3.55 -9.54
N VAL A 253 12.62 2.71 -9.14
CA VAL A 253 13.33 2.94 -7.89
C VAL A 253 14.18 4.19 -8.09
N ALA A 254 14.79 4.28 -9.27
CA ALA A 254 15.64 5.43 -9.61
C ALA A 254 14.78 6.70 -9.63
N ALA A 255 13.59 6.59 -10.20
CA ALA A 255 12.67 7.72 -10.28
C ALA A 255 12.29 8.16 -8.87
N ALA A 256 12.03 7.19 -7.99
CA ALA A 256 11.66 7.49 -6.60
C ALA A 256 12.78 8.22 -5.87
N LYS A 257 14.01 7.71 -5.99
CA LYS A 257 15.15 8.33 -5.32
C LYS A 257 15.46 9.73 -5.87
N GLU A 258 15.26 9.88 -7.18
CA GLU A 258 15.51 11.17 -7.83
C GLU A 258 14.63 12.22 -7.16
N THR A 259 13.38 11.86 -6.91
CA THR A 259 12.46 12.79 -6.26
C THR A 259 12.83 13.00 -4.80
N LEU A 260 13.12 11.90 -4.09
CA LEU A 260 13.50 12.01 -2.69
C LEU A 260 14.66 12.96 -2.48
N GLU A 261 15.61 12.95 -3.41
CA GLU A 261 16.78 13.82 -3.32
C GLU A 261 16.46 15.31 -3.35
N THR A 262 15.26 15.67 -3.80
CA THR A 262 14.88 17.07 -3.85
C THR A 262 14.29 17.56 -2.54
N PHE A 263 14.08 16.65 -1.59
CA PHE A 263 13.50 17.01 -0.31
C PHE A 263 14.54 17.33 0.76
N ARG A 264 14.09 18.01 1.80
CA ARG A 264 14.93 18.40 2.92
C ARG A 264 15.69 17.23 3.50
N GLU A 265 17.01 17.39 3.64
CA GLU A 265 17.88 16.37 4.17
C GLU A 265 17.65 16.25 5.68
N CYS A 266 17.28 15.05 6.14
CA CYS A 266 17.04 14.80 7.56
C CYS A 266 16.87 13.29 7.79
N PRO A 267 16.78 12.87 9.06
CA PRO A 267 16.62 11.44 9.35
C PRO A 267 15.40 10.79 8.70
N ALA A 268 14.28 11.51 8.66
CA ALA A 268 13.05 11.01 8.06
C ALA A 268 13.30 10.74 6.58
N ARG A 269 14.04 11.62 5.91
CA ARG A 269 14.31 11.41 4.50
C ARG A 269 15.20 10.18 4.37
N ASP A 270 16.18 10.05 5.26
CA ASP A 270 17.08 8.90 5.24
C ASP A 270 16.26 7.63 5.36
N LYS A 271 15.24 7.66 6.22
CA LYS A 271 14.38 6.51 6.43
C LYS A 271 13.58 6.18 5.18
N LEU A 272 13.17 7.21 4.44
CA LEU A 272 12.42 6.99 3.20
C LEU A 272 13.32 6.27 2.20
N PHE A 273 14.60 6.63 2.17
CA PHE A 273 15.53 5.96 1.27
C PHE A 273 15.66 4.50 1.70
N GLN A 274 15.76 4.27 3.00
CA GLN A 274 15.87 2.91 3.52
C GLN A 274 14.66 2.07 3.13
N ILE A 275 13.47 2.62 3.30
CA ILE A 275 12.24 1.92 2.96
C ILE A 275 12.20 1.59 1.47
N THR A 276 12.62 2.56 0.66
CA THR A 276 12.62 2.38 -0.78
C THR A 276 13.41 1.12 -1.16
N ASP A 277 14.62 0.98 -0.64
CA ASP A 277 15.43 -0.19 -0.94
C ASP A 277 14.88 -1.45 -0.28
N TYR A 278 14.43 -1.32 0.96
CA TYR A 278 13.90 -2.44 1.71
C TYR A 278 12.77 -3.19 1.00
N ILE A 279 11.80 -2.47 0.44
CA ILE A 279 10.68 -3.14 -0.21
C ILE A 279 10.79 -3.35 -1.73
N THR A 280 11.92 -3.00 -2.32
CA THR A 280 12.10 -3.20 -3.75
C THR A 280 13.32 -4.06 -4.06
N VAL A 281 14.45 -3.43 -4.31
CA VAL A 281 15.67 -4.16 -4.66
C VAL A 281 16.16 -5.18 -3.62
N ASP A 282 16.03 -4.87 -2.34
CA ASP A 282 16.47 -5.80 -1.31
C ASP A 282 15.69 -7.12 -1.39
N MSE A 283 14.47 -7.05 -1.91
CA MSE A 283 13.63 -8.23 -2.05
C MSE A 283 14.05 -9.05 -3.27
O MSE A 283 13.59 -10.17 -3.47
CB MSE A 283 12.17 -7.83 -2.18
CG MSE A 283 11.63 -7.14 -0.94
SE MSE A 283 11.63 -8.27 0.63
CE MSE A 283 9.74 -8.73 0.69
N LEU A 284 14.93 -8.48 -4.10
CA LEU A 284 15.39 -9.15 -5.30
C LEU A 284 16.80 -9.73 -5.12
N GLU A 285 17.14 -10.09 -3.89
CA GLU A 285 18.46 -10.66 -3.62
C GLU A 285 18.33 -12.11 -3.12
C1 MLA B . -5.88 -1.88 10.21
O1A MLA B . -5.02 -2.13 9.39
O1B MLA B . -6.99 -2.41 10.11
C2 MLA B . -5.56 -0.91 11.34
C3 MLA B . -6.71 -0.67 12.32
O3A MLA B . -6.54 0.09 13.25
O3B MLA B . -7.80 -1.23 12.18
C1 MLA C . 2.48 -3.28 5.43
O1A MLA C . 2.65 -2.91 4.29
O1B MLA C . 3.40 -3.19 6.22
C2 MLA C . 1.12 -3.86 5.84
C3 MLA C . 1.02 -4.29 7.30
O3A MLA C . -0.02 -4.76 7.72
O3B MLA C . 1.98 -4.17 8.08
C1 MLA D . 5.64 9.44 19.06
O1A MLA D . 6.59 8.72 18.79
O1B MLA D . 5.54 10.54 18.52
C2 MLA D . 4.61 8.96 20.08
C3 MLA D . 3.47 9.95 20.34
O3A MLA D . 2.60 9.63 21.13
O3B MLA D . 3.41 11.03 19.77
C1 MLA E . 13.50 13.93 11.08
O1A MLA E . 13.71 12.98 10.38
O1B MLA E . 13.48 13.77 12.29
C2 MLA E . 13.28 15.29 10.43
C3 MLA E . 13.01 16.42 11.41
O3A MLA E . 12.82 17.54 10.98
O3B MLA E . 12.99 16.24 12.62
C1 MLA F . 7.30 9.68 -11.50
O1A MLA F . 7.85 10.73 -11.33
O1B MLA F . 6.11 9.68 -11.82
C2 MLA F . 8.11 8.42 -11.30
C3 MLA F . 7.35 7.15 -11.50
O3A MLA F . 7.93 6.09 -11.39
O3B MLA F . 6.16 7.15 -11.78
C1 MLA G . 9.38 21.21 3.06
O1A MLA G . 8.76 21.47 4.07
O1B MLA G . 9.32 21.96 2.10
C2 MLA G . 10.24 19.93 3.02
C3 MLA G . 10.97 19.72 1.70
O3A MLA G . 11.68 18.74 1.58
O3B MLA G . 10.88 20.49 0.75
#